data_9FMY
#
_entry.id   9FMY
#
_cell.length_a   78.110
_cell.length_b   78.110
_cell.length_c   37.210
_cell.angle_alpha   90.000
_cell.angle_beta   90.000
_cell.angle_gamma   90.000
#
_symmetry.space_group_name_H-M   'P 43 21 2'
#
loop_
_entity.id
_entity.type
_entity.pdbx_description
1 polymer 'Lysozyme C'
2 non-polymer bis(maltolato)oxidovanadium(IV)
3 non-polymer bis(oxidanyl)vanadium
4 non-polymer pentakis(oxidanyl)-oxidanylidene-vanadium
5 non-polymer 'CHLORIDE ION'
6 non-polymer 'SODIUM ION'
7 water water
#
_entity_poly.entity_id   1
_entity_poly.type   'polypeptide(L)'
_entity_poly.pdbx_seq_one_letter_code
;VFGRCELAAAMKRHGLDNYRGYSLGNWVCAAKFESNFNTQATNRNTDGSTDYGILQINSRWWCNDGRTPGSRNLCNIPCS
ALLSSDITASVNCAKKIVSDGNGMNAWVAWRNRCKGTDVQAWIRGCRL
;
_entity_poly.pdbx_strand_id   AAA
#
loop_
_chem_comp.id
_chem_comp.type
_chem_comp.name
_chem_comp.formula
A1IE3 non-polymer bis(maltolato)oxidovanadium(IV) 'C14 H19 N2 O14 V2 -4'
A1IE4 non-polymer pentakis(oxidanyl)-oxidanylidene-vanadium 'H5 O6 V'
CL non-polymer 'CHLORIDE ION' 'Cl -1'
NA non-polymer 'SODIUM ION' 'Na 1'
VVB non-polymer bis(oxidanyl)vanadium 'H2 O2 V'
#
# COMPACT_ATOMS: atom_id res chain seq x y z
N VAL A 1 7.41 2.66 12.20
CA VAL A 1 7.29 3.90 11.45
C VAL A 1 8.58 4.07 10.66
N PHE A 2 8.47 3.99 9.36
CA PHE A 2 9.63 4.16 8.46
C PHE A 2 9.92 5.63 8.28
N GLY A 3 11.18 5.95 8.05
CA GLY A 3 11.59 7.19 7.39
C GLY A 3 11.26 7.10 5.90
N ARG A 4 11.20 8.25 5.24
CA ARG A 4 10.88 8.32 3.79
C ARG A 4 11.88 7.52 2.96
N CYS A 5 13.16 7.82 3.15
CA CYS A 5 14.20 7.12 2.39
C CYS A 5 14.35 5.65 2.77
N GLU A 6 14.13 5.34 4.04
CA GLU A 6 14.13 3.95 4.49
C GLU A 6 13.02 3.14 3.78
N LEU A 7 11.83 3.72 3.73
CA LEU A 7 10.72 3.02 3.06
C LEU A 7 10.97 2.91 1.56
N ALA A 8 11.50 3.97 0.96
CA ALA A 8 11.85 3.93 -0.47
C ALA A 8 12.78 2.74 -0.75
N ALA A 9 13.82 2.63 0.09
CA ALA A 9 14.80 1.55 -0.04
C ALA A 9 14.12 0.19 0.14
N ALA A 10 13.26 0.04 1.13
CA ALA A 10 12.60 -1.25 1.38
C ALA A 10 11.69 -1.59 0.23
N MET A 11 10.93 -0.61 -0.27
CA MET A 11 10.03 -0.87 -1.41
C MET A 11 10.82 -1.28 -2.63
N LYS A 12 11.96 -0.64 -2.88
CA LYS A 12 12.80 -1.00 -4.04
C LYS A 12 13.31 -2.43 -3.86
N ARG A 13 13.79 -2.78 -2.67
CA ARG A 13 14.31 -4.15 -2.46
C ARG A 13 13.23 -5.19 -2.73
N HIS A 14 11.96 -4.85 -2.42
CA HIS A 14 10.82 -5.79 -2.52
C HIS A 14 10.13 -5.74 -3.90
N GLY A 15 10.71 -5.03 -4.85
CA GLY A 15 10.33 -5.08 -6.28
C GLY A 15 9.28 -4.06 -6.74
N LEU A 16 9.04 -2.98 -5.99
CA LEU A 16 7.99 -2.00 -6.42
C LEU A 16 8.49 -0.95 -7.39
N ASP A 17 9.78 -0.73 -7.53
CA ASP A 17 10.21 0.38 -8.40
C ASP A 17 9.87 0.05 -9.86
N ASN A 18 9.01 0.85 -10.45
CA ASN A 18 8.49 0.69 -11.81
C ASN A 18 7.62 -0.55 -11.96
N TYR A 19 7.08 -1.07 -10.88
CA TYR A 19 6.14 -2.21 -10.97
C TYR A 19 4.84 -1.72 -11.63
N ARG A 20 4.43 -2.51 -12.62
N ARG A 20 4.42 -2.34 -12.75
CA ARG A 20 3.34 -2.19 -13.54
CA ARG A 20 3.19 -1.92 -13.49
C ARG A 20 3.46 -0.72 -13.97
C ARG A 20 3.44 -0.51 -14.00
N GLY A 21 4.68 -0.18 -14.14
CA GLY A 21 5.02 1.15 -14.63
C GLY A 21 4.95 2.28 -13.63
N TYR A 22 4.78 2.02 -12.35
CA TYR A 22 4.73 3.05 -11.33
C TYR A 22 6.08 3.21 -10.67
N SER A 23 6.68 4.40 -10.91
CA SER A 23 8.01 4.73 -10.33
C SER A 23 7.92 4.72 -8.80
N LEU A 24 9.06 4.55 -8.19
CA LEU A 24 9.16 4.40 -6.72
C LEU A 24 8.50 5.57 -6.00
N GLY A 25 8.64 6.79 -6.48
CA GLY A 25 8.05 7.94 -5.81
C GLY A 25 6.53 7.80 -5.71
N ASN A 26 5.89 7.18 -6.67
CA ASN A 26 4.43 6.97 -6.56
C ASN A 26 4.08 6.16 -5.31
N TRP A 27 4.84 5.09 -5.07
CA TRP A 27 4.58 4.20 -3.95
C TRP A 27 4.89 4.86 -2.63
N VAL A 28 5.97 5.63 -2.58
CA VAL A 28 6.34 6.34 -1.35
C VAL A 28 5.29 7.40 -1.04
N CYS A 29 4.87 8.18 -2.04
CA CYS A 29 3.81 9.17 -1.87
C CYS A 29 2.53 8.52 -1.37
N ALA A 30 2.16 7.41 -1.98
CA ALA A 30 0.92 6.74 -1.56
C ALA A 30 1.04 6.33 -0.10
N ALA A 31 2.16 5.73 0.29
CA ALA A 31 2.31 5.30 1.70
C ALA A 31 2.28 6.49 2.65
N LYS A 32 2.89 7.60 2.26
CA LYS A 32 2.90 8.77 3.14
C LYS A 32 1.47 9.17 3.46
N PHE A 33 0.62 9.32 2.44
CA PHE A 33 -0.70 9.84 2.66
C PHE A 33 -1.66 8.77 3.11
N GLU A 34 -1.43 7.51 2.86
CA GLU A 34 -2.29 6.43 3.37
C GLU A 34 -2.04 6.20 4.86
N SER A 35 -0.79 6.13 5.28
CA SER A 35 -0.45 5.60 6.60
C SER A 35 0.53 6.46 7.37
N ASN A 36 1.05 7.53 6.81
CA ASN A 36 2.15 8.27 7.46
C ASN A 36 3.36 7.38 7.67
N PHE A 37 3.58 6.42 6.81
CA PHE A 37 4.72 5.50 6.84
C PHE A 37 4.68 4.57 8.06
N ASN A 38 3.50 4.33 8.61
CA ASN A 38 3.33 3.52 9.82
C ASN A 38 2.73 2.17 9.47
N THR A 39 3.49 1.10 9.64
CA THR A 39 2.99 -0.21 9.32
C THR A 39 1.78 -0.59 10.14
N GLN A 40 1.60 -0.01 11.32
CA GLN A 40 0.50 -0.41 12.21
C GLN A 40 -0.79 0.34 11.95
N ALA A 41 -0.85 1.24 10.97
CA ALA A 41 -2.06 2.02 10.75
C ALA A 41 -3.24 1.15 10.40
N THR A 42 -4.38 1.44 11.03
CA THR A 42 -5.67 0.83 10.72
C THR A 42 -6.72 1.91 10.66
N ASN A 43 -7.67 1.79 9.74
CA ASN A 43 -8.77 2.77 9.67
C ASN A 43 -10.02 2.04 9.18
N ARG A 44 -11.09 2.16 9.93
CA ARG A 44 -12.36 1.56 9.59
C ARG A 44 -13.04 2.39 8.53
N ASN A 45 -13.65 1.71 7.58
CA ASN A 45 -14.43 2.35 6.54
C ASN A 45 -15.89 2.35 6.95
N THR A 46 -16.66 3.27 6.36
CA THR A 46 -18.14 3.49 6.60
C THR A 46 -18.84 2.15 6.46
N ASP A 47 -18.44 1.34 5.48
CA ASP A 47 -19.18 0.11 5.05
C ASP A 47 -18.85 -1.09 5.94
N GLY A 48 -17.94 -0.93 6.91
CA GLY A 48 -17.65 -2.03 7.86
C GLY A 48 -16.35 -2.73 7.57
N SER A 49 -15.78 -2.50 6.44
CA SER A 49 -14.43 -2.99 6.16
C SER A 49 -13.40 -2.13 6.91
N THR A 50 -12.15 -2.58 6.88
CA THR A 50 -11.05 -1.84 7.51
C THR A 50 -9.89 -1.85 6.54
N ASP A 51 -9.11 -0.77 6.58
CA ASP A 51 -7.85 -0.64 5.82
C ASP A 51 -6.67 -0.85 6.74
N TYR A 52 -5.67 -1.60 6.24
CA TYR A 52 -4.56 -2.06 7.08
C TYR A 52 -3.21 -1.71 6.47
N GLY A 53 -2.32 -1.24 7.32
CA GLY A 53 -0.87 -1.18 7.02
C GLY A 53 -0.46 0.03 6.23
N ILE A 54 0.78 -0.14 5.80
N ILE A 54 0.81 0.05 5.75
CA ILE A 54 1.57 0.92 5.19
CA ILE A 54 1.41 1.25 5.09
C ILE A 54 0.87 1.46 3.92
C ILE A 54 0.63 1.66 3.86
N LEU A 55 0.06 0.67 3.21
CA LEU A 55 -0.70 1.00 2.00
C LEU A 55 -2.20 0.84 2.21
N GLN A 56 -2.67 0.71 3.46
CA GLN A 56 -4.11 0.80 3.76
C GLN A 56 -4.91 -0.11 2.86
N ILE A 57 -4.56 -1.39 2.87
CA ILE A 57 -5.22 -2.41 2.04
C ILE A 57 -6.52 -2.85 2.74
N ASN A 58 -7.57 -2.94 1.94
CA ASN A 58 -8.96 -3.05 2.43
C ASN A 58 -9.39 -4.52 2.60
N SER A 59 -9.98 -4.84 3.72
CA SER A 59 -10.48 -6.17 4.06
C SER A 59 -11.70 -6.55 3.20
N ARG A 60 -12.34 -5.63 2.53
CA ARG A 60 -13.50 -5.99 1.67
C ARG A 60 -13.06 -6.97 0.57
N TRP A 61 -11.91 -6.77 0.03
CA TRP A 61 -11.42 -7.58 -1.10
C TRP A 61 -10.18 -8.40 -0.77
N TRP A 62 -9.24 -7.86 0.02
CA TRP A 62 -7.84 -8.32 -0.13
C TRP A 62 -7.33 -9.19 0.98
N CYS A 63 -7.90 -9.09 2.18
CA CYS A 63 -7.37 -9.83 3.34
C CYS A 63 -8.54 -10.21 4.22
N ASN A 64 -8.31 -11.17 5.10
CA ASN A 64 -9.33 -11.61 6.07
C ASN A 64 -9.05 -11.00 7.44
N ASP A 65 -10.01 -10.24 7.96
CA ASP A 65 -9.93 -9.70 9.33
C ASP A 65 -10.96 -10.29 10.25
N GLY A 66 -11.70 -11.30 9.82
CA GLY A 66 -12.67 -11.95 10.68
C GLY A 66 -13.94 -11.17 10.94
N ARG A 67 -14.11 -9.99 10.38
CA ARG A 67 -15.26 -9.16 10.74
C ARG A 67 -15.79 -8.39 9.56
N THR A 68 -15.47 -8.76 8.35
CA THR A 68 -15.95 -8.02 7.17
C THR A 68 -16.90 -8.93 6.37
N PRO A 69 -18.21 -8.94 6.64
CA PRO A 69 -19.13 -9.89 5.99
C PRO A 69 -19.14 -9.70 4.48
N GLY A 70 -19.21 -10.84 3.80
CA GLY A 70 -19.43 -10.89 2.36
C GLY A 70 -18.17 -10.51 1.63
N SER A 71 -17.03 -10.35 2.33
CA SER A 71 -15.78 -9.88 1.75
C SER A 71 -15.01 -11.07 1.16
N ARG A 72 -13.97 -10.76 0.43
N ARG A 72 -14.01 -10.75 0.35
CA ARG A 72 -13.05 -11.77 -0.11
CA ARG A 72 -13.03 -11.72 -0.20
C ARG A 72 -11.69 -11.55 0.56
C ARG A 72 -11.72 -11.57 0.58
N ASN A 73 -10.78 -12.45 0.30
CA ASN A 73 -9.42 -12.49 0.82
C ASN A 73 -8.55 -12.84 -0.38
N LEU A 74 -8.45 -11.91 -1.33
CA LEU A 74 -7.76 -12.22 -2.59
C LEU A 74 -6.24 -12.34 -2.40
N CYS A 75 -5.69 -11.68 -1.40
CA CYS A 75 -4.26 -11.87 -1.13
C CYS A 75 -3.98 -13.10 -0.29
N ASN A 76 -5.00 -13.77 0.19
CA ASN A 76 -4.84 -15.01 0.98
C ASN A 76 -4.00 -14.81 2.22
N ILE A 77 -4.33 -13.78 3.00
CA ILE A 77 -3.55 -13.46 4.24
C ILE A 77 -4.52 -12.95 5.29
N PRO A 78 -4.19 -13.11 6.57
CA PRO A 78 -4.87 -12.36 7.59
C PRO A 78 -4.50 -10.90 7.41
N CYS A 79 -5.44 -9.98 7.67
CA CYS A 79 -5.13 -8.57 7.57
C CYS A 79 -4.02 -8.15 8.55
N SER A 80 -3.91 -8.83 9.69
CA SER A 80 -2.82 -8.55 10.63
C SER A 80 -1.42 -8.67 9.98
N ALA A 81 -1.27 -9.53 8.97
CA ALA A 81 0.03 -9.65 8.26
C ALA A 81 0.43 -8.35 7.63
N LEU A 82 -0.52 -7.50 7.31
CA LEU A 82 -0.27 -6.19 6.72
C LEU A 82 0.18 -5.16 7.72
N LEU A 83 0.24 -5.52 9.02
CA LEU A 83 0.64 -4.57 10.07
C LEU A 83 2.07 -4.84 10.53
N SER A 84 2.69 -5.89 10.05
CA SER A 84 4.01 -6.31 10.50
C SER A 84 5.04 -5.24 10.20
N SER A 85 6.12 -5.28 10.97
CA SER A 85 7.28 -4.43 10.64
C SER A 85 7.84 -4.80 9.26
N ASP A 86 7.66 -6.04 8.87
CA ASP A 86 8.12 -6.58 7.59
C ASP A 86 7.10 -6.29 6.52
N ILE A 87 7.48 -5.50 5.51
CA ILE A 87 6.50 -5.02 4.52
C ILE A 87 6.22 -6.04 3.42
N THR A 88 6.83 -7.22 3.46
CA THR A 88 6.65 -8.20 2.37
C THR A 88 5.18 -8.45 2.07
N ALA A 89 4.36 -8.76 3.07
CA ALA A 89 2.97 -9.11 2.78
C ALA A 89 2.25 -7.92 2.16
N SER A 90 2.48 -6.73 2.67
CA SER A 90 1.86 -5.52 2.07
C SER A 90 2.31 -5.33 0.61
N VAL A 91 3.59 -5.48 0.35
CA VAL A 91 4.08 -5.31 -1.02
C VAL A 91 3.49 -6.36 -1.94
N ASN A 92 3.49 -7.65 -1.53
CA ASN A 92 2.97 -8.68 -2.42
C ASN A 92 1.51 -8.47 -2.70
N CYS A 93 0.75 -8.04 -1.70
CA CYS A 93 -0.67 -7.81 -1.94
C CYS A 93 -0.86 -6.56 -2.80
N ALA A 94 -0.10 -5.51 -2.55
CA ALA A 94 -0.18 -4.31 -3.39
C ALA A 94 0.12 -4.62 -4.86
N LYS A 95 1.03 -5.55 -5.13
CA LYS A 95 1.32 -5.94 -6.52
C LYS A 95 0.08 -6.54 -7.15
N LYS A 96 -0.61 -7.37 -6.41
N LYS A 96 -0.71 -7.36 -6.43
CA LYS A 96 -1.86 -7.91 -6.94
CA LYS A 96 -2.01 -7.90 -6.96
C LYS A 96 -2.86 -6.79 -7.21
C LYS A 96 -3.02 -6.80 -7.20
N ILE A 97 -3.09 -5.89 -6.26
CA ILE A 97 -4.07 -4.80 -6.39
C ILE A 97 -3.78 -3.96 -7.63
N VAL A 98 -2.55 -3.52 -7.79
CA VAL A 98 -2.19 -2.59 -8.86
C VAL A 98 -2.27 -3.25 -10.23
N SER A 99 -2.25 -4.57 -10.26
CA SER A 99 -2.37 -5.37 -11.49
C SER A 99 -3.83 -5.59 -11.89
N ASP A 100 -4.79 -5.20 -11.09
CA ASP A 100 -6.18 -5.68 -11.26
C ASP A 100 -7.00 -4.89 -12.29
N GLY A 101 -6.41 -3.89 -12.91
CA GLY A 101 -7.01 -3.12 -14.04
C GLY A 101 -7.06 -1.62 -13.76
N ASN A 102 -7.10 -1.14 -12.49
CA ASN A 102 -7.31 0.32 -12.23
C ASN A 102 -6.02 0.92 -11.75
N GLY A 103 -4.98 0.15 -11.75
CA GLY A 103 -3.65 0.66 -11.40
C GLY A 103 -3.66 1.24 -10.01
N MET A 104 -2.97 2.32 -9.83
CA MET A 104 -2.85 2.90 -8.50
C MET A 104 -4.10 3.70 -8.12
N ASN A 105 -5.08 3.84 -9.00
CA ASN A 105 -6.32 4.53 -8.63
C ASN A 105 -7.06 3.75 -7.54
N ALA A 106 -6.68 2.50 -7.26
CA ALA A 106 -7.22 1.76 -6.11
C ALA A 106 -6.98 2.51 -4.80
N TRP A 107 -5.92 3.26 -4.71
CA TRP A 107 -5.56 4.02 -3.51
C TRP A 107 -6.10 5.43 -3.69
N VAL A 108 -7.11 5.75 -2.90
CA VAL A 108 -7.74 7.05 -2.97
C VAL A 108 -6.73 8.14 -2.65
N ALA A 109 -5.85 7.99 -1.71
CA ALA A 109 -4.91 9.05 -1.41
C ALA A 109 -3.98 9.24 -2.59
N TRP A 110 -3.58 8.15 -3.27
CA TRP A 110 -2.73 8.32 -4.44
C TRP A 110 -3.42 9.13 -5.52
N ARG A 111 -4.66 8.77 -5.82
CA ARG A 111 -5.39 9.48 -6.88
C ARG A 111 -5.48 10.97 -6.54
N ASN A 112 -5.82 11.28 -5.29
CA ASN A 112 -6.14 12.65 -4.93
C ASN A 112 -4.91 13.46 -4.57
N ARG A 113 -3.81 12.85 -4.21
CA ARG A 113 -2.67 13.59 -3.63
C ARG A 113 -1.34 13.35 -4.31
N CYS A 114 -1.22 12.30 -5.11
CA CYS A 114 0.06 11.93 -5.73
C CYS A 114 -0.03 11.99 -7.26
N LYS A 115 -1.09 11.44 -7.83
CA LYS A 115 -1.28 11.34 -9.26
C LYS A 115 -1.09 12.72 -9.87
N GLY A 116 -0.24 12.80 -10.88
CA GLY A 116 -0.04 14.07 -11.59
C GLY A 116 0.96 14.98 -10.95
N THR A 117 1.47 14.68 -9.79
CA THR A 117 2.39 15.55 -9.09
C THR A 117 3.84 15.11 -9.38
N ASP A 118 4.79 15.89 -8.90
CA ASP A 118 6.22 15.56 -9.03
C ASP A 118 6.63 14.49 -8.02
N VAL A 119 6.26 13.26 -8.29
CA VAL A 119 6.40 12.21 -7.27
C VAL A 119 7.88 11.87 -7.07
N GLN A 120 8.74 12.19 -8.01
CA GLN A 120 10.17 11.91 -7.80
C GLN A 120 10.75 12.66 -6.60
N ALA A 121 10.13 13.75 -6.18
CA ALA A 121 10.55 14.47 -4.97
C ALA A 121 10.59 13.53 -3.77
N TRP A 122 9.72 12.51 -3.75
CA TRP A 122 9.62 11.62 -2.60
C TRP A 122 10.87 10.76 -2.42
N ILE A 123 11.69 10.62 -3.45
CA ILE A 123 12.90 9.78 -3.36
C ILE A 123 14.17 10.63 -3.43
N ARG A 124 14.02 11.94 -3.42
CA ARG A 124 15.21 12.84 -3.59
C ARG A 124 16.06 12.63 -2.36
N GLY A 125 17.38 12.56 -2.59
CA GLY A 125 18.33 12.44 -1.46
C GLY A 125 18.46 11.04 -0.91
N CYS A 126 17.73 10.07 -1.41
CA CYS A 126 17.76 8.74 -0.77
C CYS A 126 18.87 7.91 -1.43
N ARG A 127 19.58 7.18 -0.62
CA ARG A 127 20.42 6.05 -1.11
C ARG A 127 19.43 4.91 -0.87
N LEU A 128 19.38 4.15 -1.96
CA LEU A 128 18.18 3.20 -2.15
C LEU A 128 18.74 1.75 -2.02
C A1IE3 B . 6.84 1.51 11.83
N A1IE3 B . 5.92 -0.42 12.95
O A1IE3 B . 6.04 1.48 10.90
CA A1IE3 B . 7.19 0.26 12.61
CB A1IE3 B . 8.04 -0.68 11.78
CG A1IE3 B . 9.33 -0.12 11.26
CD A1IE3 B . 10.16 -1.26 10.60
CE A1IE3 B . 11.47 -0.90 9.98
NZ A1IE3 B . 12.13 -2.04 9.39
C1 A1IE3 B . 13.42 -2.34 9.40
C2 A1IE3 B . 14.38 -1.49 10.06
C3 A1IE3 B . 15.73 -1.85 9.91
C4 A1IE3 B . 16.76 -1.03 10.45
O5 A1IE3 B . 16.57 0.19 11.00
O3 A1IE3 B . 16.14 -2.93 9.18
O4 A1IE3 B . 17.96 -1.52 10.38
V1 A1IE3 B . 18.26 -3.15 9.16
O6 A1IE3 B . 19.87 -3.26 9.43
O7 A1IE3 B . 17.80 -4.58 10.53
O8 A1IE3 B . 17.93 -4.49 7.77
O9 A1IE3 B . 18.32 -1.89 7.60
C8 A1IE3 B . 17.69 -3.92 6.60
C9 A1IE3 B . 17.97 -2.52 6.54
O15 A1IE3 B . 17.91 -1.90 5.31
C12 A1IE3 B . 17.23 -4.66 5.50
C13 A1IE3 B . 16.64 -5.97 5.69
V2 A1IE3 B . 17.70 1.40 11.87
O11 A1IE3 B . 18.58 2.61 13.07
O12 A1IE3 B . 16.18 1.47 13.16
O13 A1IE3 B . 18.95 1.36 10.70
O14 A1IE3 B . 16.67 2.82 11.09
O16 A1IE3 B . 15.98 -6.63 4.78
V5 VVB C . -10.61 3.43 3.60
O12 VVB C . -10.32 4.42 5.27
O13 VVB C . -10.82 2.62 2.07
V5 VVB D . -15.93 -0.47 0.97
O12 VVB D . -17.39 -0.92 -0.23
O13 VVB D . -15.43 -2.24 1.21
V1 A1IE4 E . -15.06 -13.00 7.28
O1 A1IE4 E . -16.04 -12.61 8.61
O2 A1IE4 E . -14.22 -11.29 7.25
O3 A1IE4 E . -15.95 -14.69 7.14
O4 A1IE4 E . -13.78 -13.87 8.40
O5 A1IE4 E . -16.43 -12.45 6.08
O6 A1IE4 E . -13.88 -13.37 5.79
CL CL F . -7.66 11.55 -0.43
CL CL G . 9.86 8.43 -8.74
CL CL H . 20.54 6.39 5.70
CL CL I . 16.39 7.49 9.03
NA NA J . -11.91 -9.95 3.65
#